data_2ZY2
#
_entry.id   2ZY2
#
_cell.length_a   298.900
_cell.length_b   298.900
_cell.length_c   298.900
_cell.angle_alpha   90.00
_cell.angle_beta   90.00
_cell.angle_gamma   90.00
#
_symmetry.space_group_name_H-M   'F 4 3 2'
#
loop_
_entity.id
_entity.type
_entity.pdbx_description
1 polymer 'L-aspartate 4-carboxylyase'
2 non-polymer "PYRIDOXAL-5'-PHOSPHATE"
3 water water
#
_entity_poly.entity_id   1
_entity_poly.type   'polypeptide(L)'
_entity_poly.pdbx_seq_one_letter_code
;MSKDYRSLANLSPFELKDELIKVASGKANRLMLNAGRGNPNFLATTPRRAFFRLGLFAAAESELSYSYMTVGVGGLAKLD
GIEGRFERFIAEHRDQEGVKFLGKSLSYVRDQLGLDPAAFLHEMVDGILGCNYPVPPRMLTVSEQIVRQYIVREMAGGAV
PPESVDLFAVEGGTAAMAYIFESLRISGLLKAGDKVAIGMPVFTPYIEIPELAQYDLKEVPIHADPDNGWQYSDAELDKL
KDPDVKIFFCVNPSNPPSVKMDQRSLDRVRAIVAEQRPDLLILTDDVYGTFADEFQSLFSVCPRNTLLVYSFSKYFGATG
WRLGVIAAHKDNVFDHALSQLPESAKKALDHRYRSLLPDVRSLKFIDRLVADSRVVALNHTAGLSTPQQVQMVLFSLFAL
MDEADAYKQALKQLIRRREATLYRELGMPPLENPNSVNYYTLIDLQNVTCRLYGEAFSQWAVQQSSTGDMLFRVADETGI
VLLPGRGFGSDRPSGRASLANLNEYEYAAIGRALRRLADELYEQYKALGKEKLAAALEHHHHHH
;
_entity_poly.pdbx_strand_id   A
#
# COMPACT_ATOMS: atom_id res chain seq x y z
N SER A 12 19.53 -21.25 4.62
CA SER A 12 19.48 -21.55 3.17
C SER A 12 18.81 -20.40 2.39
N PRO A 13 17.59 -19.97 2.80
CA PRO A 13 16.98 -18.87 2.05
C PRO A 13 17.52 -17.49 2.44
N PHE A 14 18.68 -17.47 3.10
CA PHE A 14 19.32 -16.22 3.49
C PHE A 14 20.69 -16.13 2.80
N GLU A 15 21.25 -17.29 2.44
CA GLU A 15 22.53 -17.36 1.72
C GLU A 15 22.15 -17.57 0.24
N LEU A 16 20.88 -17.93 0.03
CA LEU A 16 20.30 -18.13 -1.29
C LEU A 16 20.30 -16.74 -1.90
N LYS A 17 19.46 -15.87 -1.32
CA LYS A 17 19.37 -14.49 -1.76
C LYS A 17 20.79 -13.95 -1.89
N ASP A 18 21.67 -14.43 -1.03
CA ASP A 18 23.05 -13.99 -1.05
C ASP A 18 23.62 -14.09 -2.44
N GLU A 19 23.86 -15.32 -2.89
CA GLU A 19 24.42 -15.52 -4.23
C GLU A 19 23.50 -15.12 -5.39
N LEU A 20 22.24 -14.84 -5.11
CA LEU A 20 21.33 -14.43 -6.18
C LEU A 20 21.76 -13.03 -6.60
N ILE A 21 21.89 -12.17 -5.60
CA ILE A 21 22.30 -10.80 -5.86
C ILE A 21 23.55 -10.86 -6.70
N LYS A 22 24.41 -11.82 -6.38
CA LYS A 22 25.67 -11.99 -7.08
C LYS A 22 25.47 -11.99 -8.60
N VAL A 23 24.25 -12.34 -9.04
CA VAL A 23 23.95 -12.36 -10.47
C VAL A 23 22.84 -11.37 -10.90
N ALA A 24 21.89 -11.09 -9.99
CA ALA A 24 20.76 -10.18 -10.25
C ALA A 24 21.06 -8.90 -11.03
N SER A 25 20.54 -8.79 -12.27
CA SER A 25 20.80 -7.60 -13.09
C SER A 25 19.74 -6.53 -13.08
N GLY A 26 20.02 -5.52 -12.28
CA GLY A 26 19.12 -4.40 -12.16
C GLY A 26 19.02 -3.77 -10.78
N LYS A 27 17.91 -3.07 -10.59
CA LYS A 27 17.53 -2.40 -9.35
C LYS A 27 16.11 -2.90 -9.20
N ALA A 28 15.51 -3.04 -10.36
CA ALA A 28 14.16 -3.47 -10.47
C ALA A 28 14.01 -4.79 -9.76
N ASN A 29 14.96 -5.68 -10.06
CA ASN A 29 14.99 -7.02 -9.50
C ASN A 29 15.68 -7.03 -8.17
N ARG A 30 16.47 -6.03 -7.92
CA ARG A 30 17.18 -5.95 -6.67
C ARG A 30 16.22 -5.49 -5.58
N LEU A 31 15.24 -4.66 -5.90
CA LEU A 31 14.31 -4.26 -4.84
C LEU A 31 13.39 -5.43 -4.50
N MET A 32 12.96 -6.11 -5.55
CA MET A 32 12.11 -7.30 -5.41
C MET A 32 12.80 -8.21 -4.39
N LEU A 33 14.06 -8.47 -4.66
CA LEU A 33 14.89 -9.32 -3.83
C LEU A 33 15.11 -8.81 -2.41
N ASN A 34 15.26 -7.50 -2.26
CA ASN A 34 15.49 -6.90 -0.95
C ASN A 34 14.25 -6.53 -0.13
N ALA A 35 13.18 -6.10 -0.81
CA ALA A 35 11.95 -5.72 -0.12
C ALA A 35 10.77 -6.62 -0.44
N GLY A 36 11.04 -7.64 -1.25
CA GLY A 36 10.00 -8.59 -1.63
C GLY A 36 8.78 -7.89 -2.18
N ARG A 37 9.03 -6.91 -3.04
CA ARG A 37 7.99 -6.12 -3.67
C ARG A 37 8.47 -5.63 -5.02
N GLY A 38 7.53 -5.48 -5.94
CA GLY A 38 7.82 -4.99 -7.28
C GLY A 38 7.56 -3.49 -7.45
N ASN A 39 8.53 -2.79 -8.02
CA ASN A 39 8.39 -1.38 -8.24
C ASN A 39 7.85 -1.03 -9.63
N PRO A 40 6.57 -0.62 -9.70
CA PRO A 40 5.88 -0.25 -10.96
C PRO A 40 6.67 0.54 -11.98
N ASN A 41 6.80 -0.04 -13.17
CA ASN A 41 7.51 0.57 -14.28
C ASN A 41 6.56 1.50 -15.05
N PHE A 42 5.58 2.05 -14.35
CA PHE A 42 4.63 2.95 -14.98
C PHE A 42 4.25 4.00 -13.98
N LEU A 43 3.56 5.05 -14.41
CA LEU A 43 3.16 6.11 -13.48
C LEU A 43 2.16 7.13 -13.99
N ALA A 44 1.27 7.57 -13.10
CA ALA A 44 0.27 8.56 -13.43
C ALA A 44 1.02 9.86 -13.64
N THR A 45 0.99 10.38 -14.88
CA THR A 45 1.71 11.62 -15.29
C THR A 45 0.85 12.87 -15.30
N THR A 46 -0.43 12.71 -15.62
CA THR A 46 -1.27 13.89 -15.64
C THR A 46 -1.24 14.66 -14.33
N PRO A 47 -1.50 13.97 -13.22
CA PRO A 47 -1.44 14.72 -11.98
C PRO A 47 -0.03 15.28 -11.79
N ARG A 48 0.96 14.55 -12.30
CA ARG A 48 2.33 15.01 -12.16
C ARG A 48 2.53 16.31 -12.89
N ARG A 49 2.11 16.35 -14.16
CA ARG A 49 2.25 17.60 -14.89
C ARG A 49 1.52 18.74 -14.16
N ALA A 50 0.25 18.49 -13.81
CA ALA A 50 -0.53 19.48 -13.08
C ALA A 50 0.33 19.96 -11.95
N PHE A 51 1.01 19.05 -11.26
CA PHE A 51 1.82 19.53 -10.14
C PHE A 51 2.86 20.52 -10.55
N PHE A 52 3.73 20.12 -11.46
CA PHE A 52 4.77 21.03 -11.88
C PHE A 52 4.17 22.36 -12.37
N ARG A 53 3.06 22.26 -13.09
CA ARG A 53 2.44 23.43 -13.62
C ARG A 53 1.94 24.31 -12.50
N LEU A 54 1.39 23.69 -11.47
CA LEU A 54 0.90 24.46 -10.31
C LEU A 54 2.05 25.22 -9.67
N GLY A 55 3.22 24.59 -9.61
CA GLY A 55 4.36 25.26 -9.01
C GLY A 55 4.77 26.47 -9.79
N LEU A 56 4.65 26.37 -11.10
CA LEU A 56 5.04 27.48 -11.97
C LEU A 56 4.22 28.70 -11.66
N PHE A 57 2.92 28.48 -11.43
CA PHE A 57 1.99 29.56 -11.07
C PHE A 57 2.32 30.00 -9.68
N ALA A 58 2.60 29.05 -8.82
CA ALA A 58 2.90 29.42 -7.47
C ALA A 58 4.16 30.30 -7.46
N ALA A 59 5.20 29.82 -8.15
CA ALA A 59 6.47 30.51 -8.22
C ALA A 59 6.25 31.99 -8.54
N ALA A 60 5.37 32.24 -9.50
CA ALA A 60 5.07 33.58 -9.92
C ALA A 60 4.28 34.36 -8.89
N GLU A 61 3.37 33.70 -8.17
CA GLU A 61 2.63 34.42 -7.15
C GLU A 61 3.67 34.98 -6.19
N SER A 62 4.55 34.09 -5.74
CA SER A 62 5.61 34.44 -4.83
C SER A 62 6.47 35.60 -5.31
N GLU A 63 7.01 35.53 -6.53
CA GLU A 63 7.84 36.66 -6.94
C GLU A 63 7.03 37.95 -6.84
N LEU A 64 5.74 37.86 -7.13
CA LEU A 64 4.90 39.04 -7.09
C LEU A 64 4.39 39.39 -5.72
N SER A 65 5.14 38.98 -4.71
CA SER A 65 4.80 39.28 -3.34
C SER A 65 6.05 39.73 -2.65
N TYR A 66 7.20 39.60 -3.32
CA TYR A 66 8.45 40.06 -2.73
C TYR A 66 8.73 41.43 -3.27
N SER A 67 8.39 42.42 -2.45
CA SER A 67 8.48 43.84 -2.72
C SER A 67 9.78 44.55 -3.05
N TYR A 68 10.93 43.88 -3.09
CA TYR A 68 12.14 44.61 -3.46
C TYR A 68 12.69 44.18 -4.82
N MET A 69 13.60 44.96 -5.38
CA MET A 69 14.13 44.60 -6.66
C MET A 69 15.31 43.66 -6.62
N THR A 70 15.05 42.41 -6.26
CA THR A 70 16.08 41.37 -6.16
C THR A 70 15.62 40.12 -6.92
N VAL A 71 16.47 39.60 -7.79
CA VAL A 71 16.05 38.49 -8.59
C VAL A 71 15.74 37.14 -7.99
N GLY A 72 16.59 36.62 -7.12
CA GLY A 72 16.29 35.30 -6.59
C GLY A 72 15.11 35.14 -5.62
N VAL A 73 14.97 36.13 -4.75
CA VAL A 73 13.95 36.15 -3.72
C VAL A 73 12.51 36.18 -4.18
N GLY A 74 11.62 35.72 -3.30
CA GLY A 74 10.19 35.69 -3.53
C GLY A 74 9.49 35.61 -2.17
N GLY A 75 8.30 36.21 -2.06
CA GLY A 75 7.56 36.20 -0.80
C GLY A 75 6.38 35.24 -0.71
N LEU A 76 5.51 35.46 0.28
CA LEU A 76 4.34 34.62 0.55
C LEU A 76 3.10 34.94 -0.25
N ALA A 77 2.47 33.92 -0.82
CA ALA A 77 1.29 34.14 -1.67
C ALA A 77 0.11 34.72 -0.97
N LYS A 78 -0.38 35.87 -1.42
CA LYS A 78 -1.54 36.41 -0.73
C LYS A 78 -2.79 35.55 -1.04
N LEU A 79 -3.77 35.55 -0.15
CA LEU A 79 -5.01 34.77 -0.34
C LEU A 79 -6.17 35.57 -1.00
N ASP A 80 -6.17 36.87 -0.78
CA ASP A 80 -7.18 37.73 -1.35
C ASP A 80 -7.13 37.76 -2.91
N GLY A 81 -8.28 37.60 -3.54
CA GLY A 81 -8.30 37.63 -5.00
C GLY A 81 -7.68 36.48 -5.77
N ILE A 82 -7.21 35.48 -5.05
CA ILE A 82 -6.58 34.30 -5.63
C ILE A 82 -7.40 33.45 -6.62
N GLU A 83 -8.72 33.47 -6.58
CA GLU A 83 -9.34 32.62 -7.57
C GLU A 83 -9.15 33.29 -8.88
N GLY A 84 -9.43 34.58 -8.90
CA GLY A 84 -9.29 35.32 -10.12
C GLY A 84 -7.98 34.99 -10.76
N ARG A 85 -6.90 35.12 -10.01
CA ARG A 85 -5.60 34.87 -10.59
C ARG A 85 -5.39 33.44 -11.07
N PHE A 86 -5.77 32.48 -10.25
CA PHE A 86 -5.60 31.12 -10.63
C PHE A 86 -6.39 31.02 -11.94
N GLU A 87 -7.59 31.58 -11.95
CA GLU A 87 -8.39 31.47 -13.14
C GLU A 87 -7.68 32.00 -14.34
N ARG A 88 -7.02 33.16 -14.22
CA ARG A 88 -6.28 33.74 -15.35
C ARG A 88 -5.25 32.79 -15.87
N PHE A 89 -4.41 32.31 -14.96
CA PHE A 89 -3.33 31.37 -15.28
C PHE A 89 -3.83 30.16 -16.05
N ILE A 90 -5.01 29.71 -15.64
CA ILE A 90 -5.63 28.57 -16.26
C ILE A 90 -6.01 28.80 -17.69
N ALA A 91 -6.62 29.96 -17.96
CA ALA A 91 -7.04 30.31 -19.30
C ALA A 91 -5.87 30.59 -20.20
N GLU A 92 -4.77 31.08 -19.67
CA GLU A 92 -3.63 31.40 -20.51
C GLU A 92 -2.79 30.18 -20.82
N HIS A 93 -3.19 29.03 -20.30
CA HIS A 93 -2.44 27.80 -20.54
C HIS A 93 -3.35 26.66 -20.82
N ARG A 94 -4.60 26.92 -21.11
CA ARG A 94 -5.51 25.81 -21.34
C ARG A 94 -4.99 24.79 -22.37
N ASP A 95 -3.88 25.09 -23.02
CA ASP A 95 -3.30 24.18 -24.02
C ASP A 95 -2.52 23.06 -23.44
N GLN A 96 -1.89 23.29 -22.30
CA GLN A 96 -1.06 22.26 -21.73
C GLN A 96 -1.84 21.18 -20.96
N GLU A 97 -1.51 19.93 -21.29
CA GLU A 97 -2.15 18.74 -20.73
C GLU A 97 -2.32 18.79 -19.22
N GLY A 98 -1.41 19.45 -18.55
CA GLY A 98 -1.56 19.49 -17.11
C GLY A 98 -2.53 20.50 -16.55
N VAL A 99 -2.53 21.69 -17.13
CA VAL A 99 -3.41 22.74 -16.65
C VAL A 99 -4.88 22.51 -16.96
N LYS A 100 -5.15 21.69 -17.95
CA LYS A 100 -6.53 21.44 -18.25
C LYS A 100 -7.08 20.73 -17.00
N PHE A 101 -6.32 19.78 -16.47
CA PHE A 101 -6.78 19.05 -15.31
C PHE A 101 -6.71 19.87 -14.00
N LEU A 102 -5.65 20.67 -13.91
CA LEU A 102 -5.39 21.50 -12.76
C LEU A 102 -6.56 22.43 -12.54
N GLY A 103 -7.38 22.57 -13.56
CA GLY A 103 -8.52 23.45 -13.46
C GLY A 103 -9.70 22.70 -12.90
N LYS A 104 -10.12 21.64 -13.59
CA LYS A 104 -11.26 20.86 -13.14
C LYS A 104 -11.15 20.48 -11.68
N SER A 105 -9.94 20.16 -11.24
CA SER A 105 -9.76 19.85 -9.85
C SER A 105 -10.49 20.94 -9.08
N LEU A 106 -10.08 22.19 -9.26
CA LEU A 106 -10.74 23.29 -8.58
C LEU A 106 -12.27 23.16 -8.59
N SER A 107 -12.84 22.67 -9.68
CA SER A 107 -14.31 22.52 -9.72
C SER A 107 -14.66 21.55 -8.66
N TYR A 108 -14.22 20.32 -8.87
CA TYR A 108 -14.47 19.24 -7.94
C TYR A 108 -14.27 19.63 -6.46
N VAL A 109 -13.15 20.26 -6.13
CA VAL A 109 -12.96 20.65 -4.75
C VAL A 109 -14.08 21.59 -4.33
N ARG A 110 -14.56 22.41 -5.27
CA ARG A 110 -15.60 23.43 -5.02
C ARG A 110 -17.09 23.12 -5.24
N ASP A 111 -17.36 22.36 -6.29
CA ASP A 111 -18.70 22.00 -6.70
C ASP A 111 -19.17 20.63 -6.26
N GLN A 112 -18.25 19.75 -5.89
CA GLN A 112 -18.66 18.45 -5.42
C GLN A 112 -18.38 18.29 -3.91
N LEU A 113 -17.22 18.75 -3.46
CA LEU A 113 -16.93 18.61 -2.06
C LEU A 113 -17.49 19.84 -1.36
N GLY A 114 -17.81 20.84 -2.15
CA GLY A 114 -18.35 22.06 -1.59
C GLY A 114 -17.44 22.80 -0.62
N LEU A 115 -16.13 22.73 -0.81
CA LEU A 115 -15.22 23.42 0.09
C LEU A 115 -14.78 24.83 -0.36
N ASP A 116 -14.22 25.59 0.55
CA ASP A 116 -13.82 26.95 0.23
C ASP A 116 -12.82 26.92 -0.88
N PRO A 117 -13.25 27.31 -2.08
CA PRO A 117 -12.35 27.31 -3.25
C PRO A 117 -11.05 28.06 -2.99
N ALA A 118 -11.18 29.32 -2.60
CA ALA A 118 -10.03 30.15 -2.33
C ALA A 118 -9.13 29.45 -1.30
N ALA A 119 -9.74 29.04 -0.20
CA ALA A 119 -8.99 28.35 0.83
C ALA A 119 -8.23 27.21 0.17
N PHE A 120 -8.96 26.37 -0.54
CA PHE A 120 -8.35 25.24 -1.21
C PHE A 120 -7.17 25.68 -2.06
N LEU A 121 -7.35 26.71 -2.86
CA LEU A 121 -6.25 27.11 -3.72
C LEU A 121 -5.01 27.54 -2.95
N HIS A 122 -5.18 28.51 -2.09
CA HIS A 122 -4.06 29.04 -1.32
C HIS A 122 -3.34 27.97 -0.52
N GLU A 123 -4.04 26.93 -0.10
CA GLU A 123 -3.38 25.85 0.66
C GLU A 123 -2.50 25.08 -0.32
N MET A 124 -3.00 24.95 -1.53
CA MET A 124 -2.30 24.24 -2.56
C MET A 124 -1.06 25.01 -3.02
N VAL A 125 -1.27 26.28 -3.31
CA VAL A 125 -0.20 27.17 -3.77
C VAL A 125 0.91 27.32 -2.74
N ASP A 126 0.50 27.69 -1.54
CA ASP A 126 1.47 27.86 -0.50
C ASP A 126 2.00 26.49 -0.16
N GLY A 127 1.13 25.50 -0.26
CA GLY A 127 1.55 24.17 0.04
C GLY A 127 2.67 23.71 -0.88
N ILE A 128 2.60 24.07 -2.16
CA ILE A 128 3.62 23.58 -3.07
C ILE A 128 4.94 24.34 -2.99
N LEU A 129 4.88 25.55 -2.44
CA LEU A 129 6.11 26.30 -2.30
C LEU A 129 6.87 25.88 -1.05
N GLY A 130 6.25 24.99 -0.25
CA GLY A 130 6.84 24.45 0.98
C GLY A 130 7.66 25.51 1.67
N CYS A 131 6.96 26.57 2.08
CA CYS A 131 7.60 27.70 2.69
C CYS A 131 7.01 27.94 4.05
N ASN A 132 6.14 27.04 4.47
CA ASN A 132 5.48 27.12 5.77
C ASN A 132 5.39 25.74 6.39
N TYR A 133 5.46 25.64 7.73
CA TYR A 133 5.36 24.33 8.42
C TYR A 133 3.96 23.72 8.29
N PRO A 134 3.91 22.41 8.13
CA PRO A 134 2.58 21.83 8.00
C PRO A 134 1.63 22.16 9.15
N VAL A 135 0.69 23.07 8.93
CA VAL A 135 -0.27 23.43 9.98
C VAL A 135 -1.63 22.96 9.59
N PRO A 136 -2.22 22.04 10.33
CA PRO A 136 -1.79 21.36 11.53
C PRO A 136 -0.80 20.29 11.10
N PRO A 137 -0.01 19.76 12.04
CA PRO A 137 0.96 18.73 11.67
C PRO A 137 0.29 17.46 11.12
N ARG A 138 -0.83 17.08 11.71
CA ARG A 138 -1.44 15.86 11.28
C ARG A 138 -1.60 15.78 9.77
N MET A 139 -2.17 16.85 9.18
CA MET A 139 -2.41 16.94 7.72
C MET A 139 -3.09 18.24 7.34
N LEU A 140 -2.64 18.87 6.24
CA LEU A 140 -3.17 20.16 5.79
C LEU A 140 -4.67 20.14 5.69
N THR A 141 -5.31 21.04 6.40
CA THR A 141 -6.76 21.11 6.44
C THR A 141 -7.54 20.57 5.26
N VAL A 142 -7.60 21.30 4.15
CA VAL A 142 -8.37 20.78 3.01
C VAL A 142 -7.79 19.51 2.40
N SER A 143 -6.47 19.40 2.40
CA SER A 143 -5.85 18.22 1.84
C SER A 143 -6.48 17.00 2.51
N GLU A 144 -6.73 17.09 3.81
CA GLU A 144 -7.35 16.00 4.58
C GLU A 144 -8.79 15.73 4.13
N GLN A 145 -9.54 16.79 3.87
CA GLN A 145 -10.94 16.60 3.49
C GLN A 145 -11.05 16.05 2.10
N ILE A 146 -10.05 16.33 1.29
CA ILE A 146 -10.03 15.86 -0.10
C ILE A 146 -9.52 14.43 -0.11
N VAL A 147 -8.27 14.27 0.29
CA VAL A 147 -7.66 12.95 0.30
C VAL A 147 -8.45 11.96 1.12
N ARG A 148 -9.11 12.40 2.17
CA ARG A 148 -9.91 11.45 2.94
C ARG A 148 -11.05 10.92 2.10
N GLN A 149 -11.52 11.76 1.18
CA GLN A 149 -12.62 11.42 0.29
C GLN A 149 -12.25 10.31 -0.67
N TYR A 150 -10.97 10.33 -1.05
CA TYR A 150 -10.45 9.32 -1.92
C TYR A 150 -10.49 7.97 -1.23
N ILE A 151 -10.01 7.97 0.03
CA ILE A 151 -9.93 6.77 0.84
C ILE A 151 -11.24 6.15 1.18
N VAL A 152 -12.09 6.89 1.87
CA VAL A 152 -13.37 6.32 2.23
C VAL A 152 -14.14 5.77 1.04
N ARG A 153 -13.92 6.31 -0.17
CA ARG A 153 -14.61 5.80 -1.38
C ARG A 153 -14.03 4.47 -1.90
N GLU A 154 -12.73 4.44 -2.19
CA GLU A 154 -12.11 3.20 -2.67
C GLU A 154 -12.13 2.10 -1.61
N MET A 155 -11.59 2.40 -0.44
CA MET A 155 -11.55 1.44 0.65
C MET A 155 -12.92 1.05 1.17
N ALA A 156 -13.61 2.00 1.77
CA ALA A 156 -14.94 1.70 2.30
C ALA A 156 -16.08 1.87 1.29
N GLY A 157 -16.54 3.12 1.17
CA GLY A 157 -17.60 3.44 0.25
C GLY A 157 -18.94 3.00 0.81
N GLY A 158 -18.90 1.86 1.50
CA GLY A 158 -20.10 1.30 2.09
C GLY A 158 -20.79 2.16 3.13
N ALA A 159 -20.20 2.25 4.31
CA ALA A 159 -20.85 2.98 5.40
C ALA A 159 -20.34 4.38 5.65
N VAL A 160 -19.05 4.43 5.92
CA VAL A 160 -18.34 5.63 6.28
C VAL A 160 -18.57 6.96 5.62
N PRO A 161 -19.15 7.89 6.37
CA PRO A 161 -19.36 9.21 5.79
C PRO A 161 -17.93 9.74 5.88
N PRO A 162 -17.43 10.36 4.81
CA PRO A 162 -16.07 10.86 4.94
C PRO A 162 -15.88 11.79 6.14
N GLU A 163 -16.91 12.54 6.51
CA GLU A 163 -16.80 13.47 7.64
C GLU A 163 -16.44 12.78 8.97
N SER A 164 -16.46 11.45 9.02
CA SER A 164 -16.16 10.72 10.24
C SER A 164 -14.78 10.10 10.31
N VAL A 165 -14.01 10.19 9.23
CA VAL A 165 -12.66 9.63 9.17
C VAL A 165 -11.60 10.68 9.47
N ASP A 166 -10.51 10.24 10.10
CA ASP A 166 -9.41 11.13 10.39
C ASP A 166 -8.23 10.56 9.62
N LEU A 167 -7.33 11.42 9.17
CA LEU A 167 -6.19 10.91 8.42
C LEU A 167 -4.86 11.42 8.96
N PHE A 168 -3.80 10.63 8.79
CA PHE A 168 -2.50 11.11 9.20
C PHE A 168 -1.52 10.94 8.05
N ALA A 169 -0.99 12.08 7.61
CA ALA A 169 -0.05 12.16 6.52
C ALA A 169 1.28 11.64 6.99
N VAL A 170 1.75 10.60 6.32
CA VAL A 170 3.00 9.96 6.68
C VAL A 170 3.82 9.67 5.46
N GLU A 171 5.12 9.51 5.69
CA GLU A 171 6.09 9.22 4.66
C GLU A 171 5.91 7.87 3.95
N GLY A 172 4.69 7.48 3.63
CA GLY A 172 4.54 6.22 2.94
C GLY A 172 4.24 5.14 3.92
N GLY A 173 3.55 4.08 3.49
CA GLY A 173 3.18 2.97 4.38
C GLY A 173 4.30 2.70 5.37
N THR A 174 5.48 2.45 4.82
CA THR A 174 6.65 2.21 5.63
C THR A 174 6.58 3.11 6.86
N ALA A 175 6.68 4.40 6.68
CA ALA A 175 6.58 5.25 7.84
C ALA A 175 5.33 4.88 8.63
N ALA A 176 4.19 4.73 7.96
CA ALA A 176 2.94 4.39 8.64
C ALA A 176 3.08 3.32 9.71
N MET A 177 3.86 2.28 9.42
CA MET A 177 4.05 1.20 10.39
C MET A 177 4.92 1.69 11.51
N ALA A 178 6.20 1.88 11.22
CA ALA A 178 7.10 2.34 12.25
C ALA A 178 6.47 3.42 13.16
N TYR A 179 5.38 4.03 12.72
CA TYR A 179 4.73 5.03 13.54
C TYR A 179 3.69 4.35 14.43
N ILE A 180 2.83 3.55 13.80
CA ILE A 180 1.76 2.84 14.50
C ILE A 180 2.25 1.92 15.61
N PHE A 181 3.11 0.97 15.27
CA PHE A 181 3.62 0.08 16.27
C PHE A 181 4.22 0.93 17.38
N GLU A 182 5.39 1.52 17.16
CA GLU A 182 5.98 2.33 18.21
C GLU A 182 4.93 3.11 18.99
N SER A 183 3.97 3.74 18.33
CA SER A 183 2.96 4.51 19.03
C SER A 183 2.15 3.65 19.96
N LEU A 184 1.83 2.44 19.50
CA LEU A 184 1.07 1.49 20.30
C LEU A 184 1.85 1.21 21.60
N ARG A 185 3.12 0.83 21.46
CA ARG A 185 3.96 0.54 22.62
C ARG A 185 4.11 1.76 23.51
N ILE A 186 4.47 2.92 22.97
CA ILE A 186 4.64 4.08 23.85
C ILE A 186 3.49 4.20 24.81
N SER A 187 2.27 4.20 24.27
CA SER A 187 1.04 4.36 25.06
C SER A 187 0.52 3.13 25.79
N GLY A 188 0.91 1.95 25.34
CA GLY A 188 0.50 0.76 26.03
C GLY A 188 -0.71 0.03 25.48
N LEU A 189 -1.33 0.52 24.42
CA LEU A 189 -2.48 -0.18 23.85
C LEU A 189 -1.95 -1.52 23.41
N LEU A 190 -0.64 -1.68 23.56
CA LEU A 190 0.02 -2.91 23.24
C LEU A 190 1.12 -3.09 24.26
N LYS A 191 1.04 -4.19 25.04
CA LYS A 191 2.02 -4.51 26.06
C LYS A 191 2.85 -5.68 25.59
N ALA A 192 4.10 -5.71 26.02
CA ALA A 192 5.04 -6.79 25.67
C ALA A 192 4.44 -8.19 25.93
N GLY A 193 4.63 -9.10 24.98
CA GLY A 193 4.10 -10.43 25.15
C GLY A 193 2.63 -10.57 24.81
N ASP A 194 2.13 -9.75 23.89
CA ASP A 194 0.73 -9.85 23.47
C ASP A 194 0.56 -10.77 22.25
N LYS A 195 -0.67 -11.21 22.02
CA LYS A 195 -0.95 -12.07 20.87
C LYS A 195 -1.41 -11.23 19.65
N VAL A 196 -0.64 -11.28 18.55
CA VAL A 196 -0.99 -10.54 17.33
C VAL A 196 -1.34 -11.46 16.15
N ALA A 197 -2.55 -11.34 15.64
CA ALA A 197 -2.96 -12.18 14.55
C ALA A 197 -2.43 -11.69 13.19
N ILE A 198 -1.78 -12.59 12.46
CA ILE A 198 -1.21 -12.23 11.17
C ILE A 198 -1.75 -13.02 9.99
N GLY A 199 -2.53 -12.35 9.16
CA GLY A 199 -3.04 -13.04 8.00
C GLY A 199 -1.84 -13.41 7.15
N MET A 200 -1.79 -14.65 6.69
CA MET A 200 -0.67 -15.09 5.88
C MET A 200 -1.10 -15.82 4.59
N PRO A 201 -0.15 -16.07 3.66
CA PRO A 201 1.26 -15.71 3.76
C PRO A 201 1.49 -14.22 3.52
N VAL A 202 2.51 -13.67 4.17
CA VAL A 202 2.87 -12.26 4.01
C VAL A 202 4.36 -12.21 3.69
N PHE A 203 4.85 -11.10 3.16
CA PHE A 203 6.27 -11.03 2.83
C PHE A 203 7.16 -10.73 4.03
N THR A 204 8.32 -11.38 4.03
CA THR A 204 9.33 -11.29 5.08
C THR A 204 9.32 -10.10 6.08
N PRO A 205 9.42 -8.87 5.57
CA PRO A 205 9.44 -7.69 6.42
C PRO A 205 8.45 -7.57 7.57
N TYR A 206 7.15 -7.61 7.28
CA TYR A 206 6.16 -7.45 8.33
C TYR A 206 6.21 -8.48 9.46
N ILE A 207 6.57 -9.72 9.17
CA ILE A 207 6.65 -10.72 10.24
C ILE A 207 7.94 -10.54 11.03
N GLU A 208 8.62 -9.41 10.82
CA GLU A 208 9.87 -9.13 11.50
C GLU A 208 9.79 -7.93 12.46
N ILE A 209 8.70 -7.18 12.37
CA ILE A 209 8.54 -6.01 13.24
C ILE A 209 8.14 -6.48 14.63
N PRO A 210 7.33 -7.54 14.71
CA PRO A 210 6.94 -8.02 16.02
C PRO A 210 8.12 -8.81 16.61
N GLU A 211 8.86 -9.48 15.74
CA GLU A 211 10.02 -10.31 16.11
C GLU A 211 11.20 -9.45 16.57
N LEU A 212 10.89 -8.26 17.07
CA LEU A 212 11.92 -7.34 17.57
C LEU A 212 12.03 -7.42 19.10
N ALA A 213 13.09 -6.80 19.63
CA ALA A 213 13.34 -6.78 21.07
C ALA A 213 12.48 -5.73 21.77
N GLN A 214 12.33 -4.57 21.12
CA GLN A 214 11.54 -3.45 21.64
C GLN A 214 10.04 -3.77 21.59
N TYR A 215 9.73 -5.00 21.21
CA TYR A 215 8.34 -5.45 21.13
C TYR A 215 8.18 -6.83 21.80
N ASP A 216 8.95 -7.81 21.35
CA ASP A 216 8.88 -9.17 21.90
C ASP A 216 7.43 -9.61 22.07
N LEU A 217 6.78 -9.85 20.94
CA LEU A 217 5.38 -10.29 20.91
C LEU A 217 5.35 -11.67 20.30
N LYS A 218 4.17 -12.31 20.29
CA LYS A 218 4.11 -13.65 19.72
C LYS A 218 3.22 -13.83 18.50
N GLU A 219 3.76 -14.58 17.53
CA GLU A 219 3.09 -14.87 16.27
C GLU A 219 1.84 -15.73 16.43
N VAL A 220 0.94 -15.63 15.46
CA VAL A 220 -0.29 -16.41 15.43
C VAL A 220 -0.74 -16.49 13.98
N PRO A 221 -0.09 -17.32 13.18
CA PRO A 221 -0.48 -17.42 11.79
C PRO A 221 -1.94 -17.70 11.56
N ILE A 222 -2.50 -17.10 10.51
CA ILE A 222 -3.88 -17.29 10.11
C ILE A 222 -3.77 -17.68 8.64
N HIS A 223 -3.41 -18.93 8.41
CA HIS A 223 -3.21 -19.46 7.06
C HIS A 223 -4.29 -19.33 5.99
N ALA A 224 -3.84 -18.94 4.80
CA ALA A 224 -4.72 -18.80 3.65
C ALA A 224 -4.64 -20.10 2.87
N ASP A 225 -5.80 -20.71 2.62
CA ASP A 225 -5.91 -21.99 1.91
C ASP A 225 -5.67 -21.97 0.40
N PRO A 226 -4.45 -22.32 -0.02
CA PRO A 226 -4.04 -22.36 -1.43
C PRO A 226 -5.07 -23.00 -2.34
N ASP A 227 -5.50 -24.22 -2.01
CA ASP A 227 -6.48 -24.94 -2.85
C ASP A 227 -7.79 -24.17 -3.06
N ASN A 228 -7.98 -23.08 -2.32
CA ASN A 228 -9.18 -22.28 -2.46
C ASN A 228 -8.79 -20.82 -2.72
N GLY A 229 -7.90 -20.66 -3.70
CA GLY A 229 -7.43 -19.35 -4.11
C GLY A 229 -6.89 -18.40 -3.05
N TRP A 230 -6.09 -18.90 -2.13
CA TRP A 230 -5.50 -18.07 -1.08
C TRP A 230 -6.47 -17.24 -0.25
N GLN A 231 -7.64 -17.82 0.00
CA GLN A 231 -8.62 -17.17 0.83
C GLN A 231 -8.43 -17.69 2.25
N TYR A 232 -8.82 -16.90 3.25
CA TYR A 232 -8.69 -17.37 4.62
C TYR A 232 -9.86 -18.29 4.98
N SER A 233 -9.56 -19.45 5.53
CA SER A 233 -10.58 -20.43 5.92
C SER A 233 -11.38 -20.09 7.18
N ASP A 234 -12.71 -20.12 7.06
CA ASP A 234 -13.64 -19.83 8.14
C ASP A 234 -13.07 -20.13 9.52
N ALA A 235 -12.54 -21.33 9.65
CA ALA A 235 -11.95 -21.79 10.89
C ALA A 235 -10.86 -20.82 11.33
N GLU A 236 -9.84 -20.76 10.49
CA GLU A 236 -8.65 -19.94 10.67
C GLU A 236 -8.96 -18.54 11.15
N LEU A 237 -10.00 -17.94 10.60
CA LEU A 237 -10.33 -16.60 11.03
C LEU A 237 -10.93 -16.58 12.43
N ASP A 238 -11.49 -17.71 12.86
CA ASP A 238 -12.12 -17.81 14.18
C ASP A 238 -11.15 -17.65 15.36
N LYS A 239 -9.86 -17.80 15.06
CA LYS A 239 -8.83 -17.68 16.07
C LYS A 239 -8.90 -16.34 16.79
N LEU A 240 -9.35 -15.32 16.07
CA LEU A 240 -9.41 -14.00 16.65
C LEU A 240 -10.46 -14.01 17.76
N LYS A 241 -11.24 -15.08 17.83
CA LYS A 241 -12.26 -15.20 18.86
C LYS A 241 -11.55 -15.17 20.21
N ASP A 242 -10.35 -15.77 20.21
CA ASP A 242 -9.50 -15.85 21.41
C ASP A 242 -9.21 -14.47 21.95
N PRO A 243 -9.84 -14.12 23.08
CA PRO A 243 -9.73 -12.84 23.79
C PRO A 243 -8.38 -12.33 24.20
N ASP A 244 -7.34 -13.10 23.92
CA ASP A 244 -6.00 -12.67 24.27
C ASP A 244 -5.21 -12.22 23.06
N VAL A 245 -5.84 -12.30 21.90
CA VAL A 245 -5.20 -11.85 20.66
C VAL A 245 -5.63 -10.38 20.60
N LYS A 246 -4.67 -9.50 20.90
CA LYS A 246 -4.90 -8.06 20.96
C LYS A 246 -5.19 -7.37 19.64
N ILE A 247 -4.46 -7.72 18.57
CA ILE A 247 -4.71 -7.09 17.28
C ILE A 247 -4.52 -7.99 16.07
N PHE A 248 -5.21 -7.61 15.01
CA PHE A 248 -5.16 -8.32 13.74
C PHE A 248 -4.36 -7.52 12.69
N PHE A 249 -3.44 -8.21 12.04
CA PHE A 249 -2.54 -7.60 11.08
C PHE A 249 -2.75 -8.20 9.72
N CYS A 250 -3.31 -7.43 8.81
CA CYS A 250 -3.62 -7.92 7.48
C CYS A 250 -3.12 -7.01 6.36
N VAL A 251 -2.84 -7.59 5.20
CA VAL A 251 -2.48 -6.77 4.05
C VAL A 251 -3.48 -7.18 2.99
N ASN A 252 -4.40 -6.27 2.70
CA ASN A 252 -5.48 -6.55 1.75
C ASN A 252 -5.49 -5.56 0.58
N PRO A 253 -5.32 -6.04 -0.64
CA PRO A 253 -5.13 -7.43 -1.04
C PRO A 253 -3.80 -7.90 -0.51
N SER A 254 -3.63 -9.20 -0.48
CA SER A 254 -2.42 -9.83 0.05
C SER A 254 -1.19 -9.75 -0.82
N ASN A 255 -0.03 -9.78 -0.18
CA ASN A 255 1.27 -9.80 -0.86
C ASN A 255 1.99 -10.98 -0.19
N PRO A 256 2.42 -11.97 -0.96
CA PRO A 256 2.39 -12.27 -2.39
C PRO A 256 1.16 -12.81 -3.10
N PRO A 257 0.22 -13.40 -2.35
CA PRO A 257 -0.98 -13.93 -3.00
C PRO A 257 -1.64 -13.00 -4.04
N SER A 258 -1.79 -11.74 -3.66
CA SER A 258 -2.40 -10.73 -4.52
C SER A 258 -3.91 -10.91 -4.69
N VAL A 259 -4.60 -11.10 -3.56
CA VAL A 259 -6.06 -11.26 -3.57
C VAL A 259 -6.76 -10.47 -2.48
N LYS A 260 -8.03 -10.17 -2.71
CA LYS A 260 -8.82 -9.43 -1.74
C LYS A 260 -9.61 -10.44 -0.89
N MET A 261 -9.98 -10.07 0.33
CA MET A 261 -10.74 -10.98 1.18
C MET A 261 -12.22 -11.00 0.73
N ASP A 262 -12.66 -12.09 0.10
CA ASP A 262 -14.04 -12.18 -0.38
C ASP A 262 -15.10 -11.84 0.67
N GLN A 263 -16.34 -11.72 0.19
CA GLN A 263 -17.49 -11.37 1.04
C GLN A 263 -17.61 -12.28 2.26
N ARG A 264 -17.29 -13.57 2.09
CA ARG A 264 -17.36 -14.50 3.22
C ARG A 264 -16.38 -14.06 4.29
N SER A 265 -15.11 -13.99 3.91
CA SER A 265 -14.03 -13.60 4.79
C SER A 265 -14.38 -12.36 5.57
N LEU A 266 -14.84 -11.34 4.86
CA LEU A 266 -15.20 -10.13 5.55
C LEU A 266 -16.32 -10.42 6.55
N ASP A 267 -17.48 -10.84 6.06
CA ASP A 267 -18.61 -11.10 6.92
C ASP A 267 -18.27 -11.69 8.28
N ARG A 268 -17.40 -12.69 8.32
CA ARG A 268 -16.98 -13.35 9.56
C ARG A 268 -16.40 -12.36 10.53
N VAL A 269 -15.27 -11.76 10.17
CA VAL A 269 -14.63 -10.78 11.03
C VAL A 269 -15.68 -9.77 11.51
N ARG A 270 -16.53 -9.37 10.57
CA ARG A 270 -17.59 -8.44 10.86
C ARG A 270 -18.35 -8.94 12.09
N ALA A 271 -18.67 -10.23 12.09
CA ALA A 271 -19.41 -10.92 13.16
C ALA A 271 -18.59 -11.08 14.43
N ILE A 272 -17.49 -11.81 14.31
CA ILE A 272 -16.58 -12.05 15.41
C ILE A 272 -16.41 -10.75 16.16
N VAL A 273 -15.85 -9.74 15.50
CA VAL A 273 -15.64 -8.43 16.11
C VAL A 273 -16.89 -7.95 16.82
N ALA A 274 -18.00 -8.07 16.12
CA ALA A 274 -19.31 -7.61 16.57
C ALA A 274 -19.97 -8.41 17.68
N GLU A 275 -19.79 -9.73 17.65
CA GLU A 275 -20.38 -10.64 18.66
C GLU A 275 -19.51 -10.88 19.90
N GLN A 276 -18.33 -11.43 19.66
CA GLN A 276 -17.45 -11.81 20.74
C GLN A 276 -16.09 -11.09 20.89
N ARG A 277 -15.78 -10.10 20.06
CA ARG A 277 -14.49 -9.42 20.13
C ARG A 277 -14.45 -7.89 19.91
N PRO A 278 -15.46 -7.16 20.37
CA PRO A 278 -15.43 -5.71 20.14
C PRO A 278 -14.19 -5.05 20.77
N ASP A 279 -13.33 -5.85 21.36
CA ASP A 279 -12.14 -5.28 21.97
C ASP A 279 -11.00 -5.36 20.96
N LEU A 280 -11.24 -6.10 19.88
CA LEU A 280 -10.24 -6.31 18.85
C LEU A 280 -9.76 -5.06 18.08
N LEU A 281 -8.48 -5.06 17.76
CA LEU A 281 -7.88 -3.96 17.00
C LEU A 281 -7.52 -4.49 15.63
N ILE A 282 -7.68 -3.66 14.61
CA ILE A 282 -7.32 -4.12 13.28
C ILE A 282 -6.39 -3.14 12.63
N LEU A 283 -5.32 -3.66 12.05
CA LEU A 283 -4.32 -2.87 11.36
C LEU A 283 -4.30 -3.49 9.99
N THR A 284 -4.87 -2.79 9.01
CA THR A 284 -4.93 -3.31 7.66
C THR A 284 -4.14 -2.43 6.69
N ASP A 285 -3.40 -3.06 5.81
CA ASP A 285 -2.62 -2.33 4.83
C ASP A 285 -3.29 -2.63 3.49
N ASP A 286 -4.22 -1.78 3.08
CA ASP A 286 -4.94 -2.00 1.84
C ASP A 286 -4.43 -1.26 0.59
N VAL A 287 -3.11 -1.33 0.35
CA VAL A 287 -2.54 -0.65 -0.81
C VAL A 287 -2.97 -1.27 -2.11
N TYR A 288 -2.59 -2.49 -2.40
CA TYR A 288 -3.01 -3.13 -3.65
C TYR A 288 -4.56 -3.02 -3.78
N GLY A 289 -5.16 -2.32 -2.84
CA GLY A 289 -6.61 -2.15 -2.81
C GLY A 289 -7.24 -1.51 -4.03
N THR A 290 -6.71 -0.37 -4.44
CA THR A 290 -7.26 0.35 -5.58
C THR A 290 -7.20 -0.36 -6.93
N PHE A 291 -6.22 -1.23 -7.16
CA PHE A 291 -6.12 -1.89 -8.45
C PHE A 291 -7.38 -2.63 -8.79
N ALA A 292 -7.89 -3.37 -7.81
CA ALA A 292 -9.09 -4.17 -8.00
C ALA A 292 -10.33 -3.43 -8.51
N ASP A 293 -11.11 -4.14 -9.34
CA ASP A 293 -12.36 -3.61 -9.92
C ASP A 293 -13.24 -3.03 -8.80
N GLU A 294 -13.76 -3.92 -7.95
CA GLU A 294 -14.60 -3.55 -6.81
C GLU A 294 -13.76 -4.06 -5.67
N PHE A 295 -13.80 -3.39 -4.51
CA PHE A 295 -12.99 -3.80 -3.37
C PHE A 295 -13.53 -3.28 -2.06
N GLN A 296 -13.67 -4.16 -1.07
CA GLN A 296 -14.14 -3.74 0.23
C GLN A 296 -13.00 -4.01 1.21
N SER A 297 -12.60 -2.99 1.96
CA SER A 297 -11.50 -3.12 2.92
C SER A 297 -12.01 -3.39 4.32
N LEU A 298 -11.21 -4.11 5.10
CA LEU A 298 -11.59 -4.42 6.47
C LEU A 298 -12.04 -3.13 7.16
N PHE A 299 -11.55 -1.99 6.67
CA PHE A 299 -11.92 -0.73 7.26
C PHE A 299 -13.35 -0.43 6.94
N SER A 300 -13.87 -1.19 5.99
CA SER A 300 -15.26 -1.04 5.61
C SER A 300 -16.14 -1.58 6.70
N VAL A 301 -16.06 -2.90 6.86
CA VAL A 301 -16.83 -3.65 7.83
C VAL A 301 -16.60 -3.30 9.32
N CYS A 302 -15.38 -2.99 9.72
CA CYS A 302 -15.15 -2.67 11.13
C CYS A 302 -14.52 -1.32 11.40
N PRO A 303 -15.08 -0.26 10.79
CA PRO A 303 -14.63 1.14 10.91
C PRO A 303 -14.19 1.66 12.26
N ARG A 304 -14.77 1.15 13.34
CA ARG A 304 -14.34 1.63 14.66
C ARG A 304 -13.22 0.78 15.28
N ASN A 305 -12.98 -0.39 14.71
CA ASN A 305 -11.93 -1.28 15.22
C ASN A 305 -10.71 -1.36 14.31
N THR A 306 -10.73 -0.64 13.19
CA THR A 306 -9.61 -0.67 12.24
C THR A 306 -8.79 0.59 12.12
N LEU A 307 -7.54 0.37 11.69
CA LEU A 307 -6.57 1.41 11.41
C LEU A 307 -6.17 1.05 10.00
N LEU A 308 -6.61 1.92 9.10
CA LEU A 308 -6.39 1.77 7.68
C LEU A 308 -5.15 2.47 7.17
N VAL A 309 -4.28 1.69 6.56
CA VAL A 309 -3.07 2.24 6.00
C VAL A 309 -3.12 2.12 4.51
N TYR A 310 -3.11 3.28 3.86
CA TYR A 310 -3.11 3.31 2.40
C TYR A 310 -1.87 3.97 1.87
N SER A 311 -1.23 3.33 0.89
CA SER A 311 -0.06 3.92 0.30
C SER A 311 -0.30 4.30 -1.18
N PHE A 312 0.03 5.54 -1.53
CA PHE A 312 -0.17 5.99 -2.88
C PHE A 312 0.87 5.43 -3.81
N SER A 313 1.86 4.75 -3.27
CA SER A 313 2.95 4.26 -4.09
C SER A 313 2.76 3.24 -5.20
N LYS A 314 1.91 2.25 -5.05
CA LYS A 314 1.81 1.30 -6.12
C LYS A 314 0.95 1.72 -7.29
N TYR A 315 -0.27 2.17 -6.99
CA TYR A 315 -1.24 2.56 -8.01
C TYR A 315 -0.85 3.71 -8.96
N PHE A 316 -0.19 4.71 -8.45
CA PHE A 316 0.20 5.81 -9.30
C PHE A 316 1.69 5.76 -9.63
N GLY A 317 2.30 4.60 -9.47
CA GLY A 317 3.72 4.47 -9.76
C GLY A 317 4.62 5.43 -9.01
N ALA A 318 4.08 6.01 -7.93
CA ALA A 318 4.79 6.99 -7.15
C ALA A 318 5.49 6.51 -5.90
N THR A 319 6.28 5.46 -6.03
CA THR A 319 6.99 4.97 -4.88
C THR A 319 7.86 6.11 -4.34
N GLY A 320 8.71 6.67 -5.17
CA GLY A 320 9.58 7.73 -4.71
C GLY A 320 9.01 8.94 -3.98
N TRP A 321 7.70 9.13 -4.03
CA TRP A 321 7.15 10.30 -3.35
C TRP A 321 6.93 10.01 -1.92
N ARG A 322 6.76 8.72 -1.61
CA ARG A 322 6.53 8.24 -0.27
C ARG A 322 5.28 8.96 0.22
N LEU A 323 4.12 8.54 -0.27
CA LEU A 323 2.88 9.20 0.13
C LEU A 323 1.87 8.22 0.72
N GLY A 324 1.46 8.45 1.97
CA GLY A 324 0.49 7.55 2.56
C GLY A 324 -0.31 8.18 3.69
N VAL A 325 -1.36 7.50 4.10
CA VAL A 325 -2.18 8.00 5.17
C VAL A 325 -2.50 6.90 6.14
N ILE A 326 -2.84 7.29 7.35
CA ILE A 326 -3.23 6.35 8.37
C ILE A 326 -4.66 6.78 8.70
N ALA A 327 -5.63 6.05 8.14
CA ALA A 327 -7.03 6.39 8.36
C ALA A 327 -7.48 5.85 9.70
N ALA A 328 -8.45 6.51 10.32
CA ALA A 328 -8.93 6.08 11.63
C ALA A 328 -10.25 6.74 11.98
N HIS A 329 -11.31 5.97 12.21
CA HIS A 329 -12.60 6.56 12.54
C HIS A 329 -12.45 7.57 13.67
N LYS A 330 -13.50 8.33 13.96
CA LYS A 330 -13.45 9.28 15.08
C LYS A 330 -13.81 8.58 16.39
N ASP A 331 -14.70 7.58 16.30
CA ASP A 331 -15.08 6.79 17.47
C ASP A 331 -14.49 5.39 17.28
N ASN A 332 -13.26 5.21 17.74
CA ASN A 332 -12.61 3.91 17.59
C ASN A 332 -12.19 3.36 18.91
N VAL A 333 -11.92 2.06 18.92
CA VAL A 333 -11.51 1.44 20.15
C VAL A 333 -10.23 2.08 20.63
N PHE A 334 -9.21 2.11 19.77
CA PHE A 334 -7.93 2.69 20.13
C PHE A 334 -8.11 3.86 21.08
N ASP A 335 -9.17 4.65 20.90
CA ASP A 335 -9.40 5.75 21.81
C ASP A 335 -10.10 5.27 23.08
N HIS A 336 -10.99 4.27 22.97
CA HIS A 336 -11.71 3.71 24.16
C HIS A 336 -10.67 3.04 25.05
N ALA A 337 -9.89 2.18 24.42
CA ALA A 337 -8.84 1.45 25.10
C ALA A 337 -7.90 2.37 25.88
N LEU A 338 -7.62 3.54 25.36
CA LEU A 338 -6.75 4.47 26.09
C LEU A 338 -7.46 4.95 27.36
N SER A 339 -8.70 4.49 27.54
CA SER A 339 -9.53 4.81 28.71
C SER A 339 -9.57 3.65 29.71
N GLN A 340 -9.83 2.45 29.22
CA GLN A 340 -9.84 1.26 30.06
C GLN A 340 -8.39 1.01 30.55
N LEU A 341 -7.67 2.07 30.86
CA LEU A 341 -6.29 1.93 31.32
C LEU A 341 -6.06 2.31 32.76
N PRO A 342 -5.13 1.59 33.44
CA PRO A 342 -4.82 1.87 34.84
C PRO A 342 -4.48 3.33 35.03
N GLU A 343 -5.10 3.94 36.03
CA GLU A 343 -4.88 5.35 36.34
C GLU A 343 -3.41 5.66 36.55
N SER A 344 -2.60 4.61 36.70
CA SER A 344 -1.17 4.80 36.90
C SER A 344 -0.62 5.38 35.61
N ALA A 345 -0.48 4.51 34.62
CA ALA A 345 0.05 4.87 33.30
C ALA A 345 -0.47 6.21 32.77
N LYS A 346 -1.78 6.44 32.96
CA LYS A 346 -2.43 7.67 32.50
C LYS A 346 -1.66 8.91 32.92
N LYS A 347 -1.42 9.04 34.22
CA LYS A 347 -0.69 10.17 34.79
C LYS A 347 0.79 10.18 34.35
N ALA A 348 1.24 9.06 33.79
CA ALA A 348 2.62 8.93 33.30
C ALA A 348 2.68 9.62 31.95
N LEU A 349 1.72 9.23 31.12
CA LEU A 349 1.58 9.77 29.78
C LEU A 349 1.37 11.26 29.91
N ASP A 350 0.65 11.65 30.95
CA ASP A 350 0.38 13.06 31.18
C ASP A 350 1.65 13.87 31.44
N HIS A 351 2.74 13.20 31.79
CA HIS A 351 4.00 13.91 32.02
C HIS A 351 4.62 14.07 30.64
N ARG A 352 4.51 13.02 29.81
CA ARG A 352 5.05 13.00 28.44
C ARG A 352 4.42 14.10 27.58
N TYR A 353 3.15 13.90 27.26
CA TYR A 353 2.39 14.83 26.44
C TYR A 353 2.01 16.07 27.25
N ARG A 354 2.94 16.55 28.08
CA ARG A 354 2.64 17.72 28.91
C ARG A 354 2.70 19.02 28.12
N SER A 355 3.58 19.10 27.11
CA SER A 355 3.71 20.32 26.29
C SER A 355 2.55 20.47 25.29
N LEU A 356 1.96 19.35 24.90
CA LEU A 356 0.90 19.34 23.93
C LEU A 356 -0.34 20.16 24.26
N LEU A 357 -0.85 20.01 25.48
CA LEU A 357 -2.06 20.72 25.88
C LEU A 357 -2.38 20.56 27.37
N PRO A 358 -3.58 21.01 27.80
CA PRO A 358 -3.93 20.85 29.21
C PRO A 358 -4.46 19.44 29.55
N ASP A 359 -5.54 19.02 28.90
CA ASP A 359 -6.11 17.70 29.17
C ASP A 359 -5.58 16.59 28.28
N VAL A 360 -4.51 15.95 28.74
CA VAL A 360 -3.87 14.88 27.98
C VAL A 360 -4.70 13.63 27.83
N ARG A 361 -5.87 13.62 28.44
CA ARG A 361 -6.70 12.44 28.36
C ARG A 361 -7.76 12.63 27.32
N SER A 362 -7.60 13.68 26.52
CA SER A 362 -8.55 13.96 25.45
C SER A 362 -7.85 13.71 24.13
N LEU A 363 -6.52 13.61 24.19
CA LEU A 363 -5.71 13.39 23.01
C LEU A 363 -6.00 12.11 22.22
N LYS A 364 -6.67 12.24 21.08
CA LYS A 364 -7.00 11.08 20.24
C LYS A 364 -5.75 10.30 19.88
N PHE A 365 -5.94 9.00 19.62
CA PHE A 365 -4.80 8.18 19.27
C PHE A 365 -4.14 8.68 18.01
N ILE A 366 -4.98 8.90 17.00
CA ILE A 366 -4.49 9.39 15.71
C ILE A 366 -3.54 10.54 15.92
N ASP A 367 -3.97 11.48 16.75
CA ASP A 367 -3.22 12.68 17.10
C ASP A 367 -1.89 12.44 17.82
N ARG A 368 -1.79 11.27 18.43
CA ARG A 368 -0.59 10.88 19.15
C ARG A 368 0.42 10.38 18.14
N LEU A 369 -0.04 9.45 17.30
CA LEU A 369 0.80 8.86 16.27
C LEU A 369 1.65 10.00 15.78
N VAL A 370 1.03 11.17 15.69
CA VAL A 370 1.73 12.35 15.22
C VAL A 370 2.79 12.74 16.22
N ALA A 371 2.34 13.19 17.39
CA ALA A 371 3.25 13.60 18.44
C ALA A 371 4.34 12.57 18.65
N ASP A 372 3.99 11.29 18.63
CA ASP A 372 4.99 10.26 18.81
C ASP A 372 6.12 10.31 17.78
N SER A 373 5.74 10.42 16.51
CA SER A 373 6.64 10.45 15.33
C SER A 373 7.93 11.30 15.39
N ARG A 374 7.90 12.39 16.14
CA ARG A 374 9.07 13.26 16.28
C ARG A 374 9.34 13.58 17.76
N VAL A 375 9.32 12.57 18.62
CA VAL A 375 9.60 12.83 20.04
C VAL A 375 8.90 14.06 20.64
N VAL A 376 7.57 14.02 20.62
CA VAL A 376 6.71 15.08 21.14
C VAL A 376 7.16 16.52 21.10
N ALA A 377 8.10 16.89 21.94
CA ALA A 377 8.58 18.26 21.98
C ALA A 377 8.61 19.06 20.65
N LEU A 378 8.74 18.38 19.52
CA LEU A 378 8.81 19.07 18.23
C LEU A 378 7.48 19.07 17.49
N ASN A 379 6.51 18.32 18.01
CA ASN A 379 5.20 18.20 17.41
C ASN A 379 4.85 19.32 16.48
N HIS A 380 5.01 20.54 16.95
CA HIS A 380 4.70 21.65 16.08
C HIS A 380 5.61 21.85 14.87
N THR A 381 6.26 20.80 14.42
CA THR A 381 7.09 20.95 13.24
C THR A 381 7.14 19.59 12.57
N ALA A 382 6.30 18.69 13.07
CA ALA A 382 6.24 17.35 12.49
C ALA A 382 5.25 17.38 11.36
N GLY A 383 5.20 16.27 10.63
CA GLY A 383 4.27 16.16 9.52
C GLY A 383 4.94 15.93 8.20
N LEU A 384 4.13 15.70 7.16
CA LEU A 384 4.63 15.48 5.81
C LEU A 384 4.77 16.82 5.13
N SER A 385 5.80 16.92 4.29
CA SER A 385 6.14 18.11 3.49
C SER A 385 4.93 18.64 2.78
N THR A 386 4.81 19.93 2.78
CA THR A 386 3.66 20.47 2.12
C THR A 386 3.69 20.09 0.61
N PRO A 387 4.85 20.10 -0.04
CA PRO A 387 4.75 19.70 -1.45
C PRO A 387 4.10 18.30 -1.59
N GLN A 388 4.64 17.34 -0.86
CA GLN A 388 4.09 15.98 -0.87
C GLN A 388 2.57 15.96 -0.61
N GLN A 389 2.14 16.69 0.41
CA GLN A 389 0.73 16.70 0.74
C GLN A 389 0.03 17.09 -0.55
N VAL A 390 0.55 18.11 -1.23
CA VAL A 390 -0.09 18.60 -2.45
C VAL A 390 -0.10 17.56 -3.54
N GLN A 391 1.06 17.03 -3.89
CA GLN A 391 1.10 16.01 -4.91
C GLN A 391 0.04 14.93 -4.63
N MET A 392 0.05 14.40 -3.41
CA MET A 392 -0.90 13.37 -2.93
C MET A 392 -2.34 13.78 -3.17
N VAL A 393 -2.62 15.04 -2.92
CA VAL A 393 -3.95 15.52 -3.15
C VAL A 393 -4.17 15.43 -4.64
N LEU A 394 -3.27 15.97 -5.43
CA LEU A 394 -3.49 15.90 -6.87
C LEU A 394 -3.70 14.48 -7.36
N PHE A 395 -2.98 13.52 -6.77
CA PHE A 395 -3.13 12.14 -7.20
C PHE A 395 -4.51 11.69 -6.84
N SER A 396 -5.06 12.24 -5.77
CA SER A 396 -6.38 11.83 -5.35
C SER A 396 -7.45 12.32 -6.30
N LEU A 397 -7.50 13.62 -6.49
CA LEU A 397 -8.50 14.16 -7.38
C LEU A 397 -8.36 13.56 -8.76
N PHE A 398 -7.18 13.10 -9.13
CA PHE A 398 -7.01 12.51 -10.45
C PHE A 398 -7.77 11.20 -10.52
N ALA A 399 -7.92 10.60 -9.35
CA ALA A 399 -8.60 9.34 -9.25
C ALA A 399 -10.06 9.56 -9.02
N LEU A 400 -10.35 10.65 -8.31
CA LEU A 400 -11.72 11.00 -8.01
C LEU A 400 -12.47 11.54 -9.20
N MET A 401 -11.74 12.01 -10.22
CA MET A 401 -12.36 12.58 -11.42
C MET A 401 -12.22 11.76 -12.67
N ASP A 402 -11.61 10.58 -12.59
CA ASP A 402 -11.45 9.73 -13.78
C ASP A 402 -12.66 8.84 -13.92
N GLU A 403 -13.83 9.44 -13.88
CA GLU A 403 -15.10 8.72 -13.96
C GLU A 403 -15.21 7.44 -14.79
N ALA A 404 -14.44 7.30 -15.85
CA ALA A 404 -14.53 6.08 -16.64
C ALA A 404 -13.58 5.01 -16.17
N ASP A 405 -12.58 5.42 -15.39
CA ASP A 405 -11.55 4.51 -14.88
C ASP A 405 -10.55 4.25 -16.00
N ALA A 406 -10.63 5.04 -17.05
CA ALA A 406 -9.74 4.81 -18.14
C ALA A 406 -8.32 4.51 -17.64
N TYR A 407 -7.92 5.12 -16.54
CA TYR A 407 -6.58 4.83 -16.02
C TYR A 407 -6.59 3.42 -15.42
N LYS A 408 -7.55 3.15 -14.54
CA LYS A 408 -7.64 1.86 -13.91
C LYS A 408 -7.75 0.74 -14.93
N GLN A 409 -8.55 0.97 -15.97
CA GLN A 409 -8.74 -0.01 -17.04
C GLN A 409 -7.41 -0.22 -17.75
N ALA A 410 -6.70 0.86 -17.96
CA ALA A 410 -5.43 0.80 -18.65
C ALA A 410 -4.40 -0.09 -17.98
N LEU A 411 -4.31 -0.03 -16.65
CA LEU A 411 -3.35 -0.83 -15.90
C LEU A 411 -3.74 -2.31 -15.89
N LYS A 412 -5.03 -2.58 -15.65
CA LYS A 412 -5.53 -3.94 -15.67
C LYS A 412 -4.99 -4.58 -16.92
N GLN A 413 -5.41 -4.05 -18.07
CA GLN A 413 -4.93 -4.57 -19.33
C GLN A 413 -3.42 -4.65 -19.39
N LEU A 414 -2.72 -3.73 -18.72
CA LEU A 414 -1.26 -3.78 -18.75
C LEU A 414 -0.85 -5.01 -17.96
N ILE A 415 -1.68 -5.43 -17.03
CA ILE A 415 -1.30 -6.63 -16.31
C ILE A 415 -1.63 -7.83 -17.21
N ARG A 416 -2.91 -7.97 -17.57
CA ARG A 416 -3.33 -9.07 -18.43
C ARG A 416 -2.33 -9.38 -19.55
N ARG A 417 -1.75 -8.32 -20.08
CA ARG A 417 -0.83 -8.51 -21.15
C ARG A 417 0.47 -9.07 -20.65
N ARG A 418 1.02 -8.48 -19.60
CA ARG A 418 2.28 -8.98 -19.09
C ARG A 418 2.08 -10.44 -18.73
N GLU A 419 0.88 -10.73 -18.25
CA GLU A 419 0.50 -12.10 -17.88
C GLU A 419 0.64 -12.94 -19.14
N ALA A 420 -0.21 -12.63 -20.10
CA ALA A 420 -0.20 -13.35 -21.36
C ALA A 420 1.21 -13.62 -21.86
N THR A 421 2.00 -12.57 -21.99
CA THR A 421 3.33 -12.76 -22.50
C THR A 421 4.12 -13.74 -21.67
N LEU A 422 4.12 -13.57 -20.35
CA LEU A 422 4.86 -14.48 -19.49
C LEU A 422 4.54 -15.93 -19.84
N TYR A 423 3.29 -16.33 -19.59
CA TYR A 423 2.85 -17.71 -19.83
C TYR A 423 2.66 -18.19 -21.27
N ARG A 424 3.07 -17.42 -22.27
CA ARG A 424 2.92 -17.87 -23.65
C ARG A 424 3.57 -19.24 -23.92
N GLU A 425 4.76 -19.47 -23.37
CA GLU A 425 5.44 -20.75 -23.57
C GLU A 425 5.39 -21.65 -22.33
N LEU A 426 4.36 -21.50 -21.49
CA LEU A 426 4.25 -22.32 -20.29
C LEU A 426 2.80 -22.71 -20.06
N GLY A 427 2.11 -23.13 -21.10
CA GLY A 427 0.74 -23.57 -20.96
C GLY A 427 -0.29 -22.50 -20.72
N MET A 428 -0.04 -21.33 -21.32
CA MET A 428 -0.94 -20.19 -21.21
C MET A 428 -1.27 -19.79 -19.75
N PRO A 429 -1.95 -18.64 -19.55
CA PRO A 429 -2.29 -18.19 -18.20
C PRO A 429 -3.26 -19.05 -17.37
N PRO A 430 -3.17 -18.95 -16.04
CA PRO A 430 -3.96 -19.65 -15.03
C PRO A 430 -5.46 -19.32 -15.06
N LEU A 431 -6.21 -19.85 -14.09
CA LEU A 431 -7.64 -19.60 -13.98
C LEU A 431 -7.85 -18.19 -13.41
N GLU A 432 -8.45 -17.32 -14.22
CA GLU A 432 -8.71 -15.94 -13.83
C GLU A 432 -9.50 -15.85 -12.52
N ASN A 433 -8.84 -15.43 -11.44
CA ASN A 433 -9.51 -15.30 -10.15
C ASN A 433 -10.12 -13.90 -9.99
N PRO A 434 -11.44 -13.83 -9.83
CA PRO A 434 -12.15 -12.56 -9.66
C PRO A 434 -11.72 -11.80 -8.40
N ASN A 435 -10.92 -12.44 -7.56
CA ASN A 435 -10.47 -11.76 -6.37
C ASN A 435 -8.97 -11.53 -6.43
N SER A 436 -8.36 -11.97 -7.54
CA SER A 436 -6.93 -11.79 -7.73
C SER A 436 -6.76 -10.46 -8.40
N VAL A 437 -5.71 -9.76 -8.00
CA VAL A 437 -5.40 -8.46 -8.56
C VAL A 437 -4.21 -8.68 -9.48
N ASN A 438 -3.59 -9.84 -9.37
CA ASN A 438 -2.53 -10.19 -10.28
C ASN A 438 -1.32 -9.32 -10.25
N TYR A 439 -1.22 -8.46 -9.26
CA TYR A 439 -0.04 -7.63 -9.27
C TYR A 439 1.13 -8.60 -9.33
N TYR A 440 0.99 -9.74 -8.63
CA TYR A 440 2.01 -10.83 -8.61
C TYR A 440 1.40 -12.12 -9.16
N THR A 441 2.17 -12.88 -9.91
CA THR A 441 1.64 -14.13 -10.45
C THR A 441 2.42 -15.31 -9.86
N LEU A 442 1.77 -16.47 -9.74
CA LEU A 442 2.48 -17.61 -9.21
C LEU A 442 2.75 -18.65 -10.29
N ILE A 443 4.00 -18.70 -10.69
CA ILE A 443 4.43 -19.65 -11.68
C ILE A 443 4.66 -20.92 -10.91
N ASP A 444 3.74 -21.87 -11.03
CA ASP A 444 3.89 -23.14 -10.31
C ASP A 444 4.37 -24.27 -11.23
N LEU A 445 5.58 -24.78 -10.94
CA LEU A 445 6.17 -25.83 -11.78
C LEU A 445 5.23 -27.00 -12.08
N GLN A 446 4.58 -27.49 -11.03
CA GLN A 446 3.65 -28.58 -11.21
C GLN A 446 2.63 -28.15 -12.25
N ASN A 447 1.68 -27.31 -11.84
CA ASN A 447 0.63 -26.81 -12.73
C ASN A 447 1.08 -26.55 -14.16
N VAL A 448 2.26 -25.96 -14.31
CA VAL A 448 2.78 -25.64 -15.64
C VAL A 448 2.91 -26.88 -16.51
N THR A 449 3.61 -27.90 -15.99
CA THR A 449 3.82 -29.16 -16.69
C THR A 449 2.55 -30.00 -16.87
N CYS A 450 1.59 -29.87 -15.95
CA CYS A 450 0.32 -30.60 -16.04
C CYS A 450 -0.53 -30.01 -17.17
N ARG A 451 -0.06 -28.89 -17.72
CA ARG A 451 -0.75 -28.21 -18.82
C ARG A 451 0.07 -28.42 -20.10
N LEU A 452 1.38 -28.56 -19.93
CA LEU A 452 2.30 -28.77 -21.04
C LEU A 452 2.37 -30.21 -21.51
N TYR A 453 2.59 -31.14 -20.57
CA TYR A 453 2.74 -32.54 -20.95
C TYR A 453 1.75 -33.56 -20.36
N GLY A 454 1.25 -33.30 -19.15
CA GLY A 454 0.30 -34.21 -18.54
C GLY A 454 0.57 -34.70 -17.13
N GLU A 455 -0.50 -35.04 -16.42
CA GLU A 455 -0.44 -35.54 -15.04
C GLU A 455 0.72 -36.50 -14.82
N ALA A 456 1.01 -37.28 -15.84
CA ALA A 456 2.10 -38.23 -15.75
C ALA A 456 3.38 -37.46 -15.44
N PHE A 457 3.91 -36.80 -16.48
CA PHE A 457 5.14 -36.03 -16.39
C PHE A 457 5.25 -35.13 -15.17
N SER A 458 4.17 -34.43 -14.89
CA SER A 458 4.13 -33.51 -13.75
C SER A 458 4.83 -34.05 -12.52
N GLN A 459 4.17 -34.98 -11.84
CA GLN A 459 4.69 -35.59 -10.61
C GLN A 459 6.19 -35.91 -10.64
N TRP A 460 6.68 -36.35 -11.80
CA TRP A 460 8.10 -36.69 -11.94
C TRP A 460 9.05 -35.52 -11.75
N ALA A 461 8.81 -34.43 -12.45
CA ALA A 461 9.68 -33.26 -12.36
C ALA A 461 9.53 -32.48 -11.07
N VAL A 462 8.34 -32.47 -10.50
CA VAL A 462 8.12 -31.74 -9.25
C VAL A 462 9.10 -32.25 -8.20
N GLN A 463 9.48 -33.52 -8.32
CA GLN A 463 10.42 -34.16 -7.37
C GLN A 463 11.84 -34.12 -7.93
N GLN A 464 11.97 -33.82 -9.22
CA GLN A 464 13.27 -33.76 -9.85
C GLN A 464 13.91 -32.36 -9.69
N SER A 465 13.06 -31.34 -9.54
CA SER A 465 13.54 -29.98 -9.39
C SER A 465 13.00 -29.30 -8.14
N SER A 466 13.65 -28.20 -7.73
CA SER A 466 13.31 -27.44 -6.54
C SER A 466 13.02 -25.99 -6.87
N THR A 467 12.35 -25.28 -5.96
CA THR A 467 12.08 -23.87 -6.19
C THR A 467 13.43 -23.20 -6.48
N GLY A 468 14.36 -23.34 -5.55
CA GLY A 468 15.69 -22.75 -5.69
C GLY A 468 16.39 -22.91 -7.02
N ASP A 469 16.18 -24.04 -7.70
CA ASP A 469 16.82 -24.23 -9.01
C ASP A 469 16.10 -23.30 -9.97
N MET A 470 14.78 -23.25 -9.84
CA MET A 470 13.96 -22.40 -10.68
C MET A 470 14.50 -20.99 -10.58
N LEU A 471 14.36 -20.41 -9.39
CA LEU A 471 14.81 -19.06 -9.16
C LEU A 471 16.24 -18.71 -9.60
N PHE A 472 17.14 -19.68 -9.63
CA PHE A 472 18.50 -19.36 -10.05
C PHE A 472 18.63 -19.59 -11.55
N ARG A 473 17.88 -20.55 -12.08
CA ARG A 473 17.95 -20.86 -13.52
C ARG A 473 17.52 -19.65 -14.33
N VAL A 474 16.52 -18.94 -13.80
CA VAL A 474 15.96 -17.75 -14.42
C VAL A 474 16.88 -16.58 -14.17
N ALA A 475 17.23 -16.36 -12.93
CA ALA A 475 18.10 -15.24 -12.61
C ALA A 475 19.49 -15.44 -13.22
N ASP A 476 19.67 -16.49 -13.99
CA ASP A 476 20.98 -16.71 -14.59
C ASP A 476 20.90 -16.52 -16.09
N GLU A 477 19.86 -17.09 -16.71
CA GLU A 477 19.67 -16.97 -18.14
C GLU A 477 19.27 -15.53 -18.51
N THR A 478 18.38 -14.94 -17.71
CA THR A 478 17.92 -13.59 -17.95
C THR A 478 18.62 -12.57 -17.08
N GLY A 479 18.43 -12.68 -15.78
CA GLY A 479 19.05 -11.75 -14.84
C GLY A 479 17.95 -11.23 -13.95
N ILE A 480 16.80 -11.88 -14.06
CA ILE A 480 15.61 -11.54 -13.32
C ILE A 480 15.40 -12.31 -12.03
N VAL A 481 15.16 -11.57 -10.96
CA VAL A 481 14.91 -12.16 -9.66
C VAL A 481 13.44 -12.55 -9.54
N LEU A 482 13.19 -13.75 -9.03
CA LEU A 482 11.86 -14.27 -8.82
C LEU A 482 11.66 -14.67 -7.35
N LEU A 483 10.57 -14.23 -6.77
CA LEU A 483 10.31 -14.55 -5.38
C LEU A 483 9.93 -16.00 -5.21
N PRO A 484 10.25 -16.59 -4.05
CA PRO A 484 9.93 -18.00 -3.77
C PRO A 484 8.47 -18.16 -3.39
N GLY A 485 8.01 -19.41 -3.34
CA GLY A 485 6.63 -19.67 -2.95
C GLY A 485 6.49 -19.92 -1.45
N ARG A 486 6.45 -18.84 -0.65
CA ARG A 486 6.32 -18.95 0.79
C ARG A 486 4.96 -19.51 1.23
N GLY A 487 4.95 -20.31 2.29
CA GLY A 487 3.72 -20.86 2.84
C GLY A 487 2.95 -21.99 2.18
N PHE A 488 3.64 -23.09 1.89
CA PHE A 488 3.01 -24.27 1.27
C PHE A 488 3.38 -25.43 2.19
N GLY A 489 3.67 -26.56 1.58
CA GLY A 489 4.14 -27.72 2.32
C GLY A 489 5.63 -27.91 1.96
N SER A 490 6.39 -26.82 1.59
CA SER A 490 7.85 -26.70 1.16
C SER A 490 8.06 -27.75 0.13
N ASP A 491 6.90 -28.07 -0.42
CA ASP A 491 6.80 -29.16 -1.33
C ASP A 491 6.53 -28.81 -2.75
N ARG A 492 6.99 -27.67 -3.22
CA ARG A 492 6.77 -27.43 -4.61
C ARG A 492 7.51 -26.26 -5.10
N PRO A 493 8.22 -26.52 -6.15
CA PRO A 493 8.95 -25.39 -6.65
C PRO A 493 7.90 -24.51 -7.29
N SER A 494 7.93 -23.26 -6.88
CA SER A 494 7.01 -22.30 -7.40
C SER A 494 7.79 -21.01 -7.64
N GLY A 495 7.23 -20.16 -8.48
CA GLY A 495 7.87 -18.90 -8.79
C GLY A 495 6.89 -17.77 -8.70
N ARG A 496 7.26 -16.75 -7.95
CA ARG A 496 6.43 -15.58 -7.80
C ARG A 496 7.02 -14.47 -8.64
N ALA A 497 6.31 -14.11 -9.70
CA ALA A 497 6.71 -13.06 -10.61
C ALA A 497 5.78 -11.89 -10.36
N SER A 498 6.29 -10.68 -10.57
CA SER A 498 5.46 -9.49 -10.42
C SER A 498 5.12 -9.06 -11.81
N LEU A 499 3.87 -8.71 -12.00
CA LEU A 499 3.43 -8.29 -13.31
C LEU A 499 3.45 -6.79 -13.45
N ALA A 500 4.14 -6.11 -12.56
CA ALA A 500 4.15 -4.69 -12.61
C ALA A 500 5.53 -4.09 -12.48
N ASN A 501 6.58 -4.88 -12.70
CA ASN A 501 7.88 -4.29 -12.54
C ASN A 501 8.82 -4.59 -13.70
N LEU A 502 8.26 -5.15 -14.77
CA LEU A 502 9.05 -5.48 -15.95
C LEU A 502 8.35 -5.24 -17.32
N ASN A 503 9.07 -5.40 -18.42
CA ASN A 503 8.50 -5.20 -19.76
C ASN A 503 8.22 -6.46 -20.57
N GLU A 504 7.25 -6.34 -21.49
CA GLU A 504 6.84 -7.47 -22.32
C GLU A 504 7.98 -8.39 -22.72
N TYR A 505 9.07 -7.84 -23.24
CA TYR A 505 10.20 -8.66 -23.67
C TYR A 505 10.95 -9.38 -22.60
N GLU A 506 10.83 -8.92 -21.36
CA GLU A 506 11.54 -9.58 -20.26
C GLU A 506 10.71 -10.71 -19.72
N TYR A 507 9.41 -10.50 -19.59
CA TYR A 507 8.56 -11.56 -19.10
C TYR A 507 8.65 -12.73 -20.07
N ALA A 508 8.59 -12.45 -21.35
CA ALA A 508 8.68 -13.50 -22.35
C ALA A 508 10.00 -14.22 -22.17
N ALA A 509 11.01 -13.48 -21.77
CA ALA A 509 12.35 -14.03 -21.53
C ALA A 509 12.32 -15.01 -20.33
N ILE A 510 11.57 -14.65 -19.29
CA ILE A 510 11.39 -15.50 -18.12
C ILE A 510 10.89 -16.84 -18.63
N GLY A 511 9.78 -16.80 -19.36
CA GLY A 511 9.22 -18.00 -19.90
C GLY A 511 10.21 -18.76 -20.74
N ARG A 512 10.87 -18.07 -21.66
CA ARG A 512 11.82 -18.74 -22.54
C ARG A 512 12.76 -19.62 -21.76
N ALA A 513 13.01 -19.26 -20.51
CA ALA A 513 13.88 -20.07 -19.67
C ALA A 513 13.06 -21.17 -18.99
N LEU A 514 12.10 -20.78 -18.18
CA LEU A 514 11.28 -21.75 -17.48
C LEU A 514 10.92 -22.88 -18.43
N ARG A 515 10.51 -22.55 -19.64
CA ARG A 515 10.16 -23.57 -20.63
C ARG A 515 11.40 -24.30 -21.18
N ARG A 516 12.50 -23.57 -21.37
CA ARG A 516 13.74 -24.18 -21.86
C ARG A 516 14.06 -25.30 -20.87
N LEU A 517 13.84 -25.03 -19.59
CA LEU A 517 14.09 -25.99 -18.52
C LEU A 517 13.03 -27.07 -18.40
N ALA A 518 11.79 -26.77 -18.76
CA ALA A 518 10.71 -27.75 -18.68
C ALA A 518 10.87 -28.73 -19.83
N ASP A 519 11.78 -28.45 -20.73
CA ASP A 519 12.03 -29.34 -21.84
C ASP A 519 13.23 -30.22 -21.46
N GLU A 520 14.23 -29.64 -20.79
CA GLU A 520 15.41 -30.40 -20.35
C GLU A 520 14.95 -31.59 -19.52
N LEU A 521 13.90 -31.39 -18.74
CA LEU A 521 13.35 -32.45 -17.91
C LEU A 521 12.61 -33.44 -18.76
N TYR A 522 11.63 -32.97 -19.51
CA TYR A 522 10.86 -33.84 -20.39
C TYR A 522 11.75 -34.78 -21.21
N GLU A 523 12.94 -34.30 -21.60
CA GLU A 523 13.85 -35.12 -22.39
C GLU A 523 14.48 -36.22 -21.54
N GLN A 524 14.23 -36.17 -20.22
CA GLN A 524 14.72 -37.18 -19.30
C GLN A 524 13.60 -38.18 -19.09
N TYR A 525 12.44 -37.67 -18.67
CA TYR A 525 11.27 -38.50 -18.47
C TYR A 525 11.06 -39.33 -19.74
N LYS A 526 11.48 -38.77 -20.88
CA LYS A 526 11.35 -39.44 -22.17
C LYS A 526 12.48 -40.47 -22.34
N ALA A 527 13.72 -39.99 -22.28
CA ALA A 527 14.91 -40.85 -22.45
C ALA A 527 15.13 -41.87 -21.32
N LEU A 528 14.71 -41.54 -20.10
CA LEU A 528 14.89 -42.47 -18.98
C LEU A 528 13.70 -43.39 -18.83
N GLY A 529 12.73 -43.22 -19.70
CA GLY A 529 11.57 -44.09 -19.69
C GLY A 529 11.87 -45.25 -20.62
N LYS A 530 12.59 -44.96 -21.70
CA LYS A 530 12.97 -45.97 -22.69
C LYS A 530 13.98 -46.99 -22.17
N GLU A 531 14.39 -46.83 -20.91
CA GLU A 531 15.31 -47.77 -20.31
C GLU A 531 14.42 -48.80 -19.62
N LYS A 532 13.12 -48.48 -19.57
CA LYS A 532 12.14 -49.37 -18.95
C LYS A 532 11.50 -50.25 -20.00
#